data_1A4I
#
_entry.id   1A4I
#
_cell.length_a   67.523
_cell.length_b   135.843
_cell.length_c   61.403
_cell.angle_alpha   90.00
_cell.angle_beta   90.00
_cell.angle_gamma   90.00
#
_symmetry.space_group_name_H-M   'P 21 21 21'
#
loop_
_entity.id
_entity.type
_entity.pdbx_description
1 polymer 'METHYLENETETRAHYDROFOLATE DEHYDROGENASE / METHENYLTETRAHYDROFOLATE CYCLOHYDROLASE'
2 non-polymer 'NADPH DIHYDRO-NICOTINAMIDE-ADENINE-DINUCLEOTIDE PHOSPHATE'
3 water water
#
_entity_poly.entity_id   1
_entity_poly.type   'polypeptide(L)'
_entity_poly.pdbx_seq_one_letter_code
;MAPAEILNGKEISAQIRARLKNQVTQLKEQVPGFTPRLAILQVGNRDDSNLYINVKLKAAEEIGIKATHIKLPRTTTESE
VMKYITSLNEDSTVHGFLVQLPLDSENSINTEEVINAIAPEKDVDGLTSINAGRLARGDLNDCFIPCTPKGCLELIKETG
VPIAGRHAVVVGRSKIVGAPMHDLLLWNNATVTTCHSKTAHLDEEVNKGDILVVATGQPEMVKGEWIKPGAIVIDCGINY
VPDDKKPNGRKVVGDVAYDEAKERASFITPVPGGVGPMTVAMLMQSTVESAKRFLEKFKPG
;
_entity_poly.pdbx_strand_id   A,B
#
# COMPACT_ATOMS: atom_id res chain seq x y z
N ALA A 2 32.34 18.97 -12.24
CA ALA A 2 31.32 20.04 -12.05
C ALA A 2 29.91 19.50 -11.86
N PRO A 3 29.33 18.92 -12.90
CA PRO A 3 27.97 18.44 -12.85
C PRO A 3 27.89 17.01 -12.31
N ALA A 4 26.65 16.72 -11.98
CA ALA A 4 26.35 15.36 -11.50
C ALA A 4 26.80 14.31 -12.49
N GLU A 5 27.11 13.13 -11.98
CA GLU A 5 27.30 11.93 -12.77
C GLU A 5 25.97 11.57 -13.45
N ILE A 6 26.03 11.25 -14.73
CA ILE A 6 24.82 10.87 -15.48
C ILE A 6 24.58 9.37 -15.30
N LEU A 7 23.37 9.00 -14.86
CA LEU A 7 22.93 7.62 -14.78
C LEU A 7 22.42 7.26 -16.18
N ASN A 8 23.26 6.59 -16.96
CA ASN A 8 22.90 6.30 -18.35
C ASN A 8 22.03 5.05 -18.49
N GLY A 9 20.74 5.32 -18.49
CA GLY A 9 19.73 4.22 -18.59
C GLY A 9 19.85 3.44 -19.89
N LYS A 10 20.24 4.05 -20.97
CA LYS A 10 20.40 3.32 -22.25
C LYS A 10 21.49 2.29 -22.04
N GLU A 11 22.66 2.65 -21.47
CA GLU A 11 23.74 1.68 -21.28
C GLU A 11 23.41 0.64 -20.22
N ILE A 12 22.83 1.07 -19.09
CA ILE A 12 22.51 0.13 -18.04
C ILE A 12 21.50 -0.90 -18.54
N SER A 13 20.47 -0.36 -19.25
CA SER A 13 19.45 -1.30 -19.76
C SER A 13 20.01 -2.24 -20.82
N ALA A 14 20.93 -1.77 -21.66
CA ALA A 14 21.53 -2.74 -22.62
C ALA A 14 22.26 -3.85 -21.89
N GLN A 15 22.92 -3.55 -20.79
CA GLN A 15 23.57 -4.60 -20.01
C GLN A 15 22.57 -5.59 -19.44
N ILE A 16 21.45 -5.08 -18.93
CA ILE A 16 20.41 -5.97 -18.41
C ILE A 16 19.81 -6.84 -19.52
N ARG A 17 19.52 -6.21 -20.66
CA ARG A 17 18.98 -7.01 -21.75
C ARG A 17 19.97 -8.08 -22.22
N ALA A 18 21.25 -7.76 -22.28
CA ALA A 18 22.18 -8.82 -22.69
C ALA A 18 22.19 -9.99 -21.73
N ARG A 19 22.18 -9.76 -20.42
CA ARG A 19 22.13 -10.81 -19.42
C ARG A 19 20.83 -11.60 -19.59
N LEU A 20 19.69 -10.89 -19.79
CA LEU A 20 18.46 -11.66 -20.01
C LEU A 20 18.49 -12.53 -21.25
N LYS A 21 19.06 -12.03 -22.34
CA LYS A 21 19.19 -12.82 -23.56
C LYS A 21 19.97 -14.10 -23.32
N ASN A 22 21.04 -13.98 -22.54
CA ASN A 22 21.82 -15.19 -22.24
C ASN A 22 21.07 -16.11 -21.31
N GLN A 23 20.30 -15.58 -20.34
CA GLN A 23 19.51 -16.45 -19.49
C GLN A 23 18.43 -17.17 -20.32
N VAL A 24 17.82 -16.42 -21.28
CA VAL A 24 16.78 -17.15 -22.08
C VAL A 24 17.39 -18.16 -23.01
N THR A 25 18.55 -17.91 -23.57
CA THR A 25 19.22 -18.89 -24.42
C THR A 25 19.53 -20.14 -23.56
N GLN A 26 20.00 -19.94 -22.35
CA GLN A 26 20.34 -21.11 -21.49
C GLN A 26 19.10 -21.90 -21.15
N LEU A 27 17.96 -21.27 -20.86
CA LEU A 27 16.70 -21.92 -20.57
C LEU A 27 16.24 -22.72 -21.78
N LYS A 28 16.47 -22.15 -22.96
CA LYS A 28 16.11 -22.86 -24.20
C LYS A 28 17.03 -24.05 -24.42
N GLU A 29 18.27 -23.98 -23.93
CA GLU A 29 19.18 -25.13 -24.08
C GLU A 29 18.82 -26.24 -23.10
N GLN A 30 18.22 -25.88 -21.97
CA GLN A 30 17.86 -26.84 -20.93
C GLN A 30 16.58 -27.56 -21.26
N VAL A 31 15.62 -26.84 -21.83
CA VAL A 31 14.32 -27.36 -22.23
C VAL A 31 14.06 -26.96 -23.68
N PRO A 32 14.75 -27.54 -24.66
CA PRO A 32 14.59 -27.18 -26.05
C PRO A 32 13.13 -27.22 -26.46
N GLY A 33 12.73 -26.15 -27.17
CA GLY A 33 11.32 -26.01 -27.58
C GLY A 33 10.58 -25.09 -26.61
N PHE A 34 11.02 -24.98 -25.35
CA PHE A 34 10.28 -24.07 -24.44
C PHE A 34 10.58 -22.66 -24.88
N THR A 35 9.52 -21.79 -24.86
CA THR A 35 9.72 -20.42 -25.27
C THR A 35 8.93 -19.50 -24.32
N PRO A 36 9.65 -18.66 -23.61
CA PRO A 36 9.02 -17.65 -22.78
C PRO A 36 8.16 -16.80 -23.70
N ARG A 37 6.95 -16.49 -23.22
CA ARG A 37 6.03 -15.75 -24.05
C ARG A 37 5.33 -14.65 -23.23
N LEU A 38 5.28 -13.48 -23.85
CA LEU A 38 4.64 -12.29 -23.33
C LEU A 38 3.50 -11.90 -24.28
N ALA A 39 2.38 -11.47 -23.73
CA ALA A 39 1.30 -10.93 -24.57
C ALA A 39 1.06 -9.50 -24.08
N ILE A 40 0.71 -8.64 -25.04
CA ILE A 40 0.36 -7.26 -24.76
C ILE A 40 -1.04 -7.04 -25.34
N LEU A 41 -1.96 -6.60 -24.55
CA LEU A 41 -3.35 -6.32 -24.94
C LEU A 41 -3.53 -4.83 -25.05
N GLN A 42 -3.88 -4.31 -26.19
CA GLN A 42 -4.12 -2.89 -26.35
C GLN A 42 -5.56 -2.67 -26.69
N VAL A 43 -6.14 -1.58 -26.18
CA VAL A 43 -7.49 -1.17 -26.58
C VAL A 43 -7.39 0.11 -27.34
N GLY A 44 -7.82 0.15 -28.62
CA GLY A 44 -7.77 1.41 -29.35
C GLY A 44 -6.47 1.47 -30.17
N ASN A 45 -6.08 2.68 -30.54
CA ASN A 45 -4.99 2.82 -31.49
C ASN A 45 -4.27 4.14 -31.29
N ARG A 46 -3.91 4.45 -30.04
CA ARG A 46 -3.19 5.69 -29.83
C ARG A 46 -1.79 5.64 -30.46
N ASP A 47 -1.33 6.72 -31.09
CA ASP A 47 0.04 6.68 -31.61
C ASP A 47 1.11 6.50 -30.54
N ASP A 48 1.05 7.05 -29.34
CA ASP A 48 2.09 6.86 -28.35
C ASP A 48 2.11 5.40 -27.88
N SER A 49 0.91 4.85 -27.63
CA SER A 49 0.92 3.44 -27.20
C SER A 49 1.48 2.58 -28.32
N ASN A 50 1.16 2.83 -29.57
CA ASN A 50 1.75 1.99 -30.61
C ASN A 50 3.25 2.05 -30.59
N LEU A 51 3.82 3.23 -30.39
CA LEU A 51 5.28 3.31 -30.32
C LEU A 51 5.82 2.62 -29.13
N TYR A 52 5.26 2.75 -27.93
CA TYR A 52 5.79 2.07 -26.74
C TYR A 52 5.64 0.54 -26.86
N ILE A 53 4.55 0.10 -27.45
CA ILE A 53 4.40 -1.36 -27.62
C ILE A 53 5.48 -1.84 -28.59
N ASN A 54 5.75 -1.06 -29.65
CA ASN A 54 6.80 -1.52 -30.60
C ASN A 54 8.15 -1.58 -29.90
N VAL A 55 8.47 -0.69 -29.00
CA VAL A 55 9.73 -0.80 -28.24
C VAL A 55 9.73 -2.07 -27.40
N LYS A 56 8.64 -2.37 -26.72
CA LYS A 56 8.54 -3.61 -25.93
C LYS A 56 8.68 -4.84 -26.84
N LEU A 57 8.04 -4.79 -28.02
CA LEU A 57 8.19 -5.98 -28.89
C LEU A 57 9.60 -6.11 -29.41
N LYS A 58 10.32 -5.06 -29.68
CA LYS A 58 11.69 -5.10 -30.16
C LYS A 58 12.60 -5.67 -29.07
N ALA A 59 12.41 -5.19 -27.83
CA ALA A 59 13.26 -5.74 -26.75
C ALA A 59 13.00 -7.21 -26.56
N ALA A 60 11.73 -7.64 -26.58
CA ALA A 60 11.38 -9.03 -26.35
C ALA A 60 12.06 -9.88 -27.44
N GLU A 61 11.94 -9.47 -28.70
CA GLU A 61 12.51 -10.28 -29.78
C GLU A 61 14.01 -10.42 -29.61
N GLU A 62 14.68 -9.37 -29.21
CA GLU A 62 16.12 -9.40 -29.03
C GLU A 62 16.54 -10.38 -27.96
N ILE A 63 15.73 -10.47 -26.90
CA ILE A 63 16.12 -11.33 -25.78
C ILE A 63 15.75 -12.77 -26.06
N GLY A 64 14.83 -12.99 -27.01
CA GLY A 64 14.45 -14.37 -27.28
C GLY A 64 13.11 -14.72 -26.71
N ILE A 65 12.36 -13.66 -26.27
CA ILE A 65 10.99 -13.89 -25.79
C ILE A 65 10.00 -13.76 -26.96
N LYS A 66 9.05 -14.68 -27.04
CA LYS A 66 8.00 -14.55 -28.07
C LYS A 66 6.96 -13.53 -27.57
N ALA A 67 6.60 -12.56 -28.36
CA ALA A 67 5.72 -11.52 -27.85
C ALA A 67 4.57 -11.39 -28.83
N THR A 68 3.36 -11.40 -28.33
CA THR A 68 2.15 -11.30 -29.12
C THR A 68 1.50 -9.94 -28.81
N HIS A 69 1.06 -9.21 -29.78
CA HIS A 69 0.30 -7.97 -29.58
C HIS A 69 -1.12 -8.17 -30.06
N ILE A 70 -2.09 -7.96 -29.18
CA ILE A 70 -3.49 -8.05 -29.58
C ILE A 70 -3.98 -6.60 -29.55
N LYS A 71 -4.61 -6.14 -30.61
CA LYS A 71 -5.07 -4.76 -30.65
C LYS A 71 -6.57 -4.75 -30.85
N LEU A 72 -7.35 -4.37 -29.87
CA LEU A 72 -8.81 -4.36 -29.96
C LEU A 72 -9.28 -3.00 -30.40
N PRO A 73 -10.45 -2.95 -31.07
CA PRO A 73 -10.90 -1.66 -31.57
C PRO A 73 -11.39 -0.70 -30.50
N ARG A 74 -11.56 0.56 -30.96
CA ARG A 74 -12.06 1.59 -30.07
C ARG A 74 -13.52 1.40 -29.67
N THR A 75 -14.26 0.49 -30.31
CA THR A 75 -15.61 0.21 -29.90
C THR A 75 -15.71 -0.83 -28.81
N THR A 76 -14.56 -1.35 -28.37
CA THR A 76 -14.49 -2.41 -27.38
C THR A 76 -15.11 -1.99 -26.05
N THR A 77 -15.77 -2.95 -25.45
CA THR A 77 -16.44 -2.81 -24.17
C THR A 77 -15.64 -3.49 -23.06
N GLU A 78 -15.97 -3.13 -21.79
CA GLU A 78 -15.32 -3.83 -20.70
C GLU A 78 -15.58 -5.33 -20.78
N SER A 79 -16.81 -5.77 -21.13
CA SER A 79 -17.03 -7.21 -21.21
C SER A 79 -16.16 -7.87 -22.25
N GLU A 80 -15.97 -7.25 -23.42
CA GLU A 80 -15.13 -7.81 -24.47
C GLU A 80 -13.68 -7.84 -24.01
N VAL A 81 -13.18 -6.80 -23.35
CA VAL A 81 -11.82 -6.86 -22.82
C VAL A 81 -11.64 -7.98 -21.82
N MET A 82 -12.63 -8.21 -20.94
CA MET A 82 -12.56 -9.25 -19.92
C MET A 82 -12.44 -10.64 -20.55
N LYS A 83 -13.09 -10.76 -21.69
CA LYS A 83 -13.01 -12.04 -22.41
C LYS A 83 -11.59 -12.34 -22.83
N TYR A 84 -10.90 -11.31 -23.37
CA TYR A 84 -9.53 -11.51 -23.79
C TYR A 84 -8.62 -11.74 -22.58
N ILE A 85 -8.89 -11.05 -21.45
CA ILE A 85 -8.06 -11.32 -20.28
C ILE A 85 -8.17 -12.75 -19.77
N THR A 86 -9.43 -13.22 -19.74
CA THR A 86 -9.69 -14.60 -19.36
C THR A 86 -8.98 -15.55 -20.33
N SER A 87 -9.03 -15.26 -21.61
CA SER A 87 -8.38 -16.15 -22.56
C SER A 87 -6.88 -16.23 -22.29
N LEU A 88 -6.27 -15.05 -21.98
CA LEU A 88 -4.85 -15.03 -21.72
C LEU A 88 -4.50 -15.70 -20.42
N ASN A 89 -5.34 -15.58 -19.41
CA ASN A 89 -5.12 -16.21 -18.13
C ASN A 89 -5.11 -17.75 -18.31
N GLU A 90 -5.99 -18.21 -19.19
CA GLU A 90 -6.10 -19.66 -19.38
C GLU A 90 -5.18 -20.22 -20.43
N ASP A 91 -4.52 -19.38 -21.21
CA ASP A 91 -3.58 -19.87 -22.23
C ASP A 91 -2.26 -20.23 -21.58
N SER A 92 -1.95 -21.52 -21.46
CA SER A 92 -0.79 -22.11 -20.87
C SER A 92 0.54 -21.71 -21.49
N THR A 93 0.53 -21.36 -22.74
CA THR A 93 1.72 -20.90 -23.46
C THR A 93 2.07 -19.44 -23.15
N VAL A 94 1.14 -18.71 -22.54
CA VAL A 94 1.46 -17.29 -22.22
C VAL A 94 1.92 -17.18 -20.78
N HIS A 95 3.16 -16.76 -20.54
CA HIS A 95 3.72 -16.72 -19.20
C HIS A 95 3.41 -15.41 -18.47
N GLY A 96 3.40 -14.34 -19.24
CA GLY A 96 3.11 -13.02 -18.62
C GLY A 96 2.33 -12.20 -19.64
N PHE A 97 1.47 -11.30 -19.11
CA PHE A 97 0.82 -10.42 -20.07
C PHE A 97 0.53 -9.09 -19.31
N LEU A 98 0.23 -8.14 -20.19
CA LEU A 98 -0.11 -6.81 -19.63
C LEU A 98 -1.16 -6.15 -20.56
N VAL A 99 -1.81 -5.21 -19.91
CA VAL A 99 -2.76 -4.35 -20.62
C VAL A 99 -2.06 -3.02 -20.84
N GLN A 100 -1.91 -2.54 -22.04
CA GLN A 100 -1.28 -1.23 -22.24
C GLN A 100 -2.25 -0.13 -21.82
N LEU A 101 -1.76 0.81 -21.03
CA LEU A 101 -2.59 1.90 -20.53
C LEU A 101 -2.14 3.20 -21.13
N PRO A 102 -3.05 4.15 -21.33
CA PRO A 102 -4.45 4.07 -21.01
C PRO A 102 -5.27 3.37 -22.08
N LEU A 103 -6.43 2.85 -21.66
CA LEU A 103 -7.31 2.21 -22.66
C LEU A 103 -7.89 3.31 -23.55
N ASP A 104 -8.02 3.15 -24.84
CA ASP A 104 -8.55 4.16 -25.75
C ASP A 104 -9.86 3.58 -26.36
N SER A 105 -10.96 3.75 -25.65
CA SER A 105 -12.26 3.27 -26.14
C SER A 105 -13.30 4.38 -26.08
N GLU A 106 -14.30 4.26 -26.94
CA GLU A 106 -15.47 5.15 -26.89
C GLU A 106 -16.35 4.81 -25.69
N ASN A 107 -16.23 3.61 -25.13
CA ASN A 107 -17.03 3.27 -23.96
C ASN A 107 -16.26 3.43 -22.67
N SER A 108 -17.00 3.61 -21.58
CA SER A 108 -16.43 3.67 -20.25
C SER A 108 -16.01 2.28 -19.82
N ILE A 109 -14.72 2.18 -19.46
CA ILE A 109 -14.17 0.90 -19.03
C ILE A 109 -13.46 1.14 -17.69
N ASN A 110 -13.80 0.36 -16.69
CA ASN A 110 -13.15 0.50 -15.36
C ASN A 110 -11.78 -0.18 -15.46
N THR A 111 -10.76 0.69 -15.50
CA THR A 111 -9.41 0.14 -15.61
C THR A 111 -9.02 -0.75 -14.47
N GLU A 112 -9.40 -0.40 -13.20
CA GLU A 112 -9.02 -1.25 -12.11
C GLU A 112 -9.64 -2.66 -12.25
N GLU A 113 -10.92 -2.69 -12.67
CA GLU A 113 -11.55 -4.02 -12.78
C GLU A 113 -10.88 -4.89 -13.84
N VAL A 114 -10.55 -4.24 -14.99
CA VAL A 114 -9.87 -5.03 -16.05
C VAL A 114 -8.52 -5.52 -15.57
N ILE A 115 -7.74 -4.59 -14.97
CA ILE A 115 -6.40 -4.98 -14.47
C ILE A 115 -6.50 -6.07 -13.43
N ASN A 116 -7.48 -6.00 -12.53
CA ASN A 116 -7.58 -6.99 -11.48
C ASN A 116 -8.14 -8.35 -11.88
N ALA A 117 -8.52 -8.42 -13.15
CA ALA A 117 -8.90 -9.73 -13.72
C ALA A 117 -7.64 -10.47 -14.17
N ILE A 118 -6.49 -9.83 -14.25
CA ILE A 118 -5.28 -10.52 -14.68
C ILE A 118 -4.80 -11.44 -13.59
N ALA A 119 -4.45 -12.67 -13.96
CA ALA A 119 -3.94 -13.64 -12.97
C ALA A 119 -2.66 -13.05 -12.39
N PRO A 120 -2.50 -13.07 -11.05
CA PRO A 120 -1.34 -12.43 -10.44
C PRO A 120 -0.02 -13.03 -10.87
N GLU A 121 0.04 -14.31 -11.22
CA GLU A 121 1.23 -15.00 -11.70
C GLU A 121 1.68 -14.55 -13.08
N LYS A 122 0.71 -13.99 -13.83
CA LYS A 122 1.08 -13.47 -15.16
C LYS A 122 1.14 -11.95 -15.16
N ASP A 123 0.96 -11.30 -14.03
CA ASP A 123 0.85 -9.81 -13.97
C ASP A 123 2.23 -9.20 -13.98
N VAL A 124 2.90 -9.25 -15.13
CA VAL A 124 4.28 -8.76 -15.17
C VAL A 124 4.35 -7.24 -15.08
N ASP A 125 3.29 -6.49 -15.25
CA ASP A 125 3.38 -5.04 -15.02
C ASP A 125 3.18 -4.76 -13.52
N GLY A 126 2.83 -5.73 -12.69
CA GLY A 126 2.70 -5.53 -11.26
C GLY A 126 1.59 -4.59 -10.87
N LEU A 127 0.48 -4.49 -11.62
CA LEU A 127 -0.56 -3.57 -11.25
C LEU A 127 -1.81 -4.09 -10.54
N THR A 128 -1.87 -5.45 -10.49
CA THR A 128 -3.03 -5.97 -9.78
C THR A 128 -3.01 -5.56 -8.31
N SER A 129 -4.17 -5.52 -7.69
CA SER A 129 -4.20 -5.16 -6.25
C SER A 129 -3.49 -6.18 -5.41
N ILE A 130 -3.52 -7.49 -5.79
CA ILE A 130 -2.80 -8.49 -5.05
C ILE A 130 -1.31 -8.16 -5.07
N ASN A 131 -0.74 -7.86 -6.23
CA ASN A 131 0.69 -7.52 -6.25
C ASN A 131 0.93 -6.21 -5.56
N ALA A 132 0.06 -5.24 -5.71
CA ALA A 132 0.30 -3.95 -5.06
C ALA A 132 0.23 -4.11 -3.54
N GLY A 133 -0.72 -4.94 -3.05
CA GLY A 133 -0.82 -5.12 -1.64
C GLY A 133 0.32 -5.87 -1.01
N ARG A 134 0.98 -6.76 -1.73
CA ARG A 134 2.18 -7.44 -1.21
C ARG A 134 3.29 -6.39 -1.15
N LEU A 135 3.50 -5.67 -2.22
CA LEU A 135 4.55 -4.64 -2.22
C LEU A 135 4.30 -3.59 -1.14
N ALA A 136 3.05 -3.13 -0.98
CA ALA A 136 2.76 -2.06 -0.03
C ALA A 136 2.98 -2.47 1.40
N ARG A 137 2.94 -3.78 1.64
CA ARG A 137 3.12 -4.28 3.01
C ARG A 137 4.48 -4.94 3.23
N GLY A 138 5.38 -4.80 2.26
CA GLY A 138 6.75 -5.29 2.45
C GLY A 138 6.99 -6.75 2.12
N ASP A 139 6.03 -7.40 1.47
CA ASP A 139 6.12 -8.84 1.16
C ASP A 139 6.71 -8.96 -0.26
N LEU A 140 8.04 -9.01 -0.34
CA LEU A 140 8.72 -8.98 -1.64
C LEU A 140 9.18 -10.31 -2.20
N ASN A 141 8.94 -11.42 -1.54
CA ASN A 141 9.38 -12.71 -2.06
C ASN A 141 8.51 -13.17 -3.22
N ASP A 142 7.27 -12.76 -3.16
CA ASP A 142 6.05 -13.06 -3.79
C ASP A 142 5.46 -12.20 -4.89
N CYS A 143 6.09 -11.12 -5.36
CA CYS A 143 5.28 -10.25 -6.19
C CYS A 143 6.03 -9.62 -7.35
N PHE A 144 5.21 -9.25 -8.32
CA PHE A 144 5.74 -8.45 -9.43
C PHE A 144 5.61 -6.99 -9.02
N ILE A 145 6.67 -6.25 -9.24
CA ILE A 145 6.72 -4.80 -8.92
C ILE A 145 6.56 -4.05 -10.21
N PRO A 146 5.80 -2.96 -10.27
CA PRO A 146 5.67 -2.17 -11.47
C PRO A 146 7.03 -1.84 -12.10
N CYS A 147 7.12 -1.89 -13.40
CA CYS A 147 8.43 -1.78 -14.08
C CYS A 147 9.11 -0.44 -13.96
N THR A 148 8.39 0.67 -13.89
CA THR A 148 9.03 1.97 -13.82
C THR A 148 9.69 2.13 -12.44
N PRO A 149 9.04 1.90 -11.33
CA PRO A 149 9.70 1.89 -10.04
C PRO A 149 10.85 0.93 -9.96
N LYS A 150 10.68 -0.31 -10.52
CA LYS A 150 11.76 -1.27 -10.52
C LYS A 150 12.97 -0.64 -11.17
N GLY A 151 12.80 -0.03 -12.35
CA GLY A 151 13.86 0.60 -13.12
C GLY A 151 14.53 1.71 -12.32
N CYS A 152 13.70 2.50 -11.63
CA CYS A 152 14.22 3.58 -10.80
C CYS A 152 15.07 2.99 -9.70
N LEU A 153 14.63 1.91 -9.05
CA LEU A 153 15.44 1.32 -7.96
C LEU A 153 16.75 0.83 -8.52
N GLU A 154 16.78 0.24 -9.73
CA GLU A 154 18.03 -0.21 -10.30
C GLU A 154 18.95 0.98 -10.60
N LEU A 155 18.41 2.11 -11.08
CA LEU A 155 19.22 3.32 -11.29
C LEU A 155 19.82 3.79 -10.00
N ILE A 156 19.05 3.80 -8.92
CA ILE A 156 19.58 4.27 -7.64
C ILE A 156 20.65 3.31 -7.19
N LYS A 157 20.48 2.01 -7.37
CA LYS A 157 21.55 1.09 -6.99
C LYS A 157 22.79 1.26 -7.82
N GLU A 158 22.73 1.76 -9.07
CA GLU A 158 23.88 2.00 -9.88
C GLU A 158 24.79 3.10 -9.36
N THR A 159 24.31 3.89 -8.41
CA THR A 159 25.15 4.92 -7.82
C THR A 159 26.07 4.23 -6.83
N GLY A 160 25.74 3.04 -6.34
CA GLY A 160 26.50 2.38 -5.27
C GLY A 160 26.18 2.95 -3.89
N VAL A 161 25.35 3.99 -3.74
CA VAL A 161 25.11 4.56 -2.43
C VAL A 161 24.00 3.81 -1.73
N PRO A 162 24.21 3.27 -0.53
CA PRO A 162 23.15 2.52 0.13
C PRO A 162 21.90 3.36 0.37
N ILE A 163 20.75 2.69 0.14
CA ILE A 163 19.49 3.39 0.39
C ILE A 163 19.12 3.42 1.88
N ALA A 164 19.50 2.42 2.66
CA ALA A 164 19.02 2.37 4.04
C ALA A 164 19.46 3.63 4.82
N GLY A 165 18.49 4.19 5.48
CA GLY A 165 18.68 5.35 6.33
C GLY A 165 18.67 6.67 5.58
N ARG A 166 18.61 6.63 4.26
CA ARG A 166 18.57 7.91 3.53
C ARG A 166 17.17 8.46 3.64
N HIS A 167 16.99 9.75 3.54
CA HIS A 167 15.69 10.38 3.38
C HIS A 167 15.40 10.50 1.89
N ALA A 168 14.33 9.82 1.45
CA ALA A 168 13.94 9.84 0.08
C ALA A 168 12.63 10.60 -0.06
N VAL A 169 12.53 11.32 -1.16
CA VAL A 169 11.28 12.04 -1.46
C VAL A 169 10.80 11.59 -2.86
N VAL A 170 9.54 11.17 -2.85
CA VAL A 170 8.88 10.77 -4.10
C VAL A 170 7.82 11.86 -4.39
N VAL A 171 7.95 12.45 -5.57
CA VAL A 171 6.92 13.47 -5.96
C VAL A 171 5.99 12.78 -6.95
N GLY A 172 4.78 12.53 -6.55
CA GLY A 172 3.78 11.81 -7.33
C GLY A 172 3.39 10.54 -6.55
N ARG A 173 2.13 10.15 -6.75
CA ARG A 173 1.59 8.97 -6.02
C ARG A 173 0.73 8.09 -6.93
N SER A 174 1.07 8.10 -8.23
CA SER A 174 0.20 7.27 -9.10
C SER A 174 0.38 5.81 -8.85
N LYS A 175 -0.59 5.00 -9.33
CA LYS A 175 -0.47 3.57 -9.20
C LYS A 175 0.65 2.96 -10.02
N ILE A 176 0.98 3.60 -11.12
CA ILE A 176 2.01 3.11 -12.03
C ILE A 176 3.40 3.44 -11.58
N VAL A 177 3.57 4.62 -10.93
CA VAL A 177 4.92 5.01 -10.59
C VAL A 177 5.06 5.45 -9.15
N GLY A 178 4.46 6.55 -8.72
CA GLY A 178 4.78 7.10 -7.40
C GLY A 178 4.44 6.26 -6.22
N ALA A 179 3.25 5.69 -6.16
CA ALA A 179 2.86 4.86 -5.01
C ALA A 179 3.76 3.64 -4.88
N PRO A 180 3.99 2.81 -5.89
CA PRO A 180 4.92 1.70 -5.73
C PRO A 180 6.36 2.15 -5.52
N MET A 181 6.75 3.36 -6.04
CA MET A 181 8.12 3.79 -5.81
C MET A 181 8.35 4.06 -4.30
N HIS A 182 7.36 4.65 -3.69
CA HIS A 182 7.41 4.87 -2.26
C HIS A 182 7.62 3.55 -1.52
N ASP A 183 6.87 2.52 -1.91
CA ASP A 183 6.99 1.23 -1.22
C ASP A 183 8.35 0.64 -1.44
N LEU A 184 8.89 0.66 -2.69
CA LEU A 184 10.22 0.10 -2.88
C LEU A 184 11.27 0.79 -2.00
N LEU A 185 11.20 2.13 -1.94
CA LEU A 185 12.21 2.81 -1.13
C LEU A 185 12.03 2.53 0.34
N LEU A 186 10.75 2.47 0.81
CA LEU A 186 10.55 2.18 2.25
C LEU A 186 11.08 0.81 2.59
N TRP A 187 10.76 -0.19 1.71
CA TRP A 187 11.20 -1.54 2.08
C TRP A 187 12.65 -1.80 1.82
N ASN A 188 13.37 -0.83 1.22
CA ASN A 188 14.81 -0.79 1.13
C ASN A 188 15.36 0.13 2.24
N ASN A 189 14.51 0.45 3.20
CA ASN A 189 14.87 1.10 4.47
C ASN A 189 15.20 2.56 4.36
N ALA A 190 14.76 3.22 3.31
CA ALA A 190 14.80 4.68 3.31
C ALA A 190 13.73 5.13 4.25
N THR A 191 13.81 6.38 4.69
CA THR A 191 12.76 7.13 5.35
C THR A 191 12.10 7.88 4.20
N VAL A 192 10.80 7.74 3.95
CA VAL A 192 10.31 8.26 2.68
C VAL A 192 9.21 9.28 2.90
N THR A 193 9.28 10.38 2.13
CA THR A 193 8.22 11.38 2.09
C THR A 193 7.53 11.28 0.72
N THR A 194 6.20 11.30 0.72
CA THR A 194 5.50 11.29 -0.56
C THR A 194 4.73 12.62 -0.70
N CYS A 195 5.01 13.24 -1.82
CA CYS A 195 4.37 14.55 -2.13
C CYS A 195 3.48 14.38 -3.35
N HIS A 196 2.54 15.32 -3.49
CA HIS A 196 1.57 15.21 -4.57
C HIS A 196 0.96 16.60 -4.81
N SER A 197 -0.09 16.70 -5.59
CA SER A 197 -0.57 18.04 -5.97
C SER A 197 -1.07 18.86 -4.81
N LYS A 198 -1.37 18.27 -3.64
CA LYS A 198 -1.87 19.03 -2.51
C LYS A 198 -0.76 19.29 -1.51
N THR A 199 0.49 18.95 -1.85
CA THR A 199 1.58 19.25 -0.94
C THR A 199 1.82 20.76 -0.90
N ALA A 200 2.03 21.27 0.29
CA ALA A 200 2.40 22.69 0.41
C ALA A 200 3.93 22.76 0.51
N HIS A 201 4.49 23.90 0.08
CA HIS A 201 5.93 24.08 0.21
C HIS A 201 6.65 22.86 -0.40
N LEU A 202 6.30 22.58 -1.66
CA LEU A 202 6.97 21.43 -2.29
C LEU A 202 8.47 21.59 -2.36
N ASP A 203 8.95 22.84 -2.63
CA ASP A 203 10.39 23.07 -2.66
C ASP A 203 11.07 22.65 -1.36
N GLU A 204 10.46 22.93 -0.20
CA GLU A 204 11.08 22.54 1.05
C GLU A 204 11.07 21.01 1.21
N GLU A 205 10.01 20.41 0.70
CA GLU A 205 10.01 18.93 0.85
C GLU A 205 11.02 18.29 -0.06
N VAL A 206 11.14 18.74 -1.31
CA VAL A 206 12.17 18.22 -2.21
C VAL A 206 13.55 18.42 -1.67
N ASN A 207 13.83 19.52 -0.97
CA ASN A 207 15.13 19.80 -0.45
C ASN A 207 15.59 18.87 0.65
N LYS A 208 14.74 18.03 1.18
CA LYS A 208 15.03 17.03 2.20
C LYS A 208 15.56 15.74 1.59
N GLY A 209 15.39 15.63 0.25
CA GLY A 209 15.74 14.42 -0.41
C GLY A 209 17.16 14.09 -0.67
N ASP A 210 17.74 13.09 -0.02
CA ASP A 210 19.01 12.50 -0.41
C ASP A 210 18.83 11.68 -1.73
N ILE A 211 17.60 11.14 -1.84
CA ILE A 211 17.18 10.43 -3.07
C ILE A 211 15.88 11.18 -3.40
N LEU A 212 15.75 11.46 -4.67
CA LEU A 212 14.55 12.19 -5.15
C LEU A 212 14.05 11.53 -6.43
N VAL A 213 12.81 11.04 -6.36
CA VAL A 213 12.20 10.42 -7.56
C VAL A 213 10.99 11.28 -7.92
N VAL A 214 11.02 11.77 -9.17
CA VAL A 214 9.96 12.65 -9.62
C VAL A 214 9.10 12.03 -10.74
N ALA A 215 7.79 11.96 -10.48
CA ALA A 215 6.90 11.35 -11.47
C ALA A 215 5.56 12.07 -11.43
N THR A 216 5.63 13.27 -12.03
CA THR A 216 4.44 14.14 -12.02
C THR A 216 3.86 14.45 -13.40
N GLY A 217 4.68 14.38 -14.43
CA GLY A 217 4.12 14.75 -15.76
C GLY A 217 3.93 16.25 -15.83
N GLN A 218 4.72 17.05 -15.13
CA GLN A 218 4.66 18.53 -15.22
C GLN A 218 6.07 18.93 -15.62
N PRO A 219 6.23 19.50 -16.82
CA PRO A 219 7.54 19.76 -17.36
C PRO A 219 8.47 20.66 -16.61
N GLU A 220 9.65 20.12 -16.26
CA GLU A 220 10.67 20.84 -15.52
C GLU A 220 10.14 21.58 -14.33
N MET A 221 9.12 21.06 -13.61
CA MET A 221 8.50 21.69 -12.47
C MET A 221 9.41 21.66 -11.25
N VAL A 222 10.21 20.60 -11.15
CA VAL A 222 11.09 20.55 -9.95
C VAL A 222 12.35 21.32 -10.32
N LYS A 223 12.49 22.45 -9.66
CA LYS A 223 13.61 23.36 -9.93
C LYS A 223 14.90 22.92 -9.33
N GLY A 224 16.03 23.12 -10.03
CA GLY A 224 17.35 22.71 -9.58
C GLY A 224 17.74 23.26 -8.23
N GLU A 225 17.27 24.47 -7.92
CA GLU A 225 17.46 25.18 -6.68
C GLU A 225 16.95 24.41 -5.46
N TRP A 226 15.86 23.63 -5.71
CA TRP A 226 15.25 22.88 -4.61
C TRP A 226 16.06 21.62 -4.29
N ILE A 227 16.85 21.17 -5.22
CA ILE A 227 17.59 19.91 -4.99
C ILE A 227 18.55 19.98 -3.84
N LYS A 228 18.59 19.00 -2.94
CA LYS A 228 19.58 18.97 -1.88
C LYS A 228 20.95 18.70 -2.50
N PRO A 229 21.98 19.48 -2.19
CA PRO A 229 23.32 19.23 -2.73
C PRO A 229 23.79 17.81 -2.48
N GLY A 230 24.14 17.09 -3.55
CA GLY A 230 24.64 15.73 -3.49
C GLY A 230 23.47 14.72 -3.69
N ALA A 231 22.30 15.20 -3.94
CA ALA A 231 21.18 14.24 -4.07
C ALA A 231 21.32 13.35 -5.28
N ILE A 232 20.62 12.19 -5.22
CA ILE A 232 20.50 11.30 -6.38
C ILE A 232 19.09 11.61 -6.92
N VAL A 233 19.01 12.01 -8.18
CA VAL A 233 17.77 12.50 -8.79
C VAL A 233 17.38 11.62 -9.98
N ILE A 234 16.18 11.05 -9.78
CA ILE A 234 15.58 10.15 -10.73
C ILE A 234 14.28 10.81 -11.28
N ASP A 235 14.36 11.04 -12.60
CA ASP A 235 13.31 11.75 -13.29
C ASP A 235 12.55 10.86 -14.29
N CYS A 236 11.31 10.59 -13.89
CA CYS A 236 10.50 9.65 -14.70
C CYS A 236 9.67 10.41 -15.74
N GLY A 237 9.69 11.73 -15.74
CA GLY A 237 8.85 12.49 -16.66
C GLY A 237 9.20 12.37 -18.13
N ILE A 238 8.11 12.33 -18.90
CA ILE A 238 8.22 12.34 -20.37
C ILE A 238 7.23 13.41 -20.83
N ASN A 239 7.71 14.64 -21.03
CA ASN A 239 6.88 15.77 -21.39
C ASN A 239 7.32 16.44 -22.70
N TYR A 240 6.35 16.76 -23.55
CA TYR A 240 6.62 17.43 -24.82
C TYR A 240 6.41 18.95 -24.73
N LYS A 251 10.49 19.60 -27.91
CA LYS A 251 11.58 18.92 -27.21
C LYS A 251 10.95 18.01 -26.17
N VAL A 252 11.59 16.91 -25.82
CA VAL A 252 11.11 16.03 -24.76
C VAL A 252 11.91 16.40 -23.50
N VAL A 253 11.22 16.64 -22.39
CA VAL A 253 11.90 17.06 -21.18
C VAL A 253 11.26 16.27 -20.02
N GLY A 254 12.05 16.24 -18.95
CA GLY A 254 11.58 15.51 -17.76
C GLY A 254 10.82 16.46 -16.85
N ASP A 255 10.56 15.94 -15.64
CA ASP A 255 9.84 16.66 -14.62
C ASP A 255 10.74 17.51 -13.74
N VAL A 256 12.01 17.34 -14.02
CA VAL A 256 13.06 18.11 -13.34
C VAL A 256 13.74 19.05 -14.33
N ALA A 257 14.05 20.26 -13.81
CA ALA A 257 14.77 21.24 -14.69
C ALA A 257 16.20 20.71 -14.70
N TYR A 258 16.58 19.95 -15.69
CA TYR A 258 17.86 19.25 -15.72
C TYR A 258 19.09 20.11 -15.68
N ASP A 259 19.16 21.16 -16.50
CA ASP A 259 20.41 21.95 -16.48
C ASP A 259 20.74 22.53 -15.13
N GLU A 260 19.76 22.97 -14.34
CA GLU A 260 20.00 23.48 -13.01
C GLU A 260 20.27 22.36 -11.99
N ALA A 261 19.45 21.30 -12.09
CA ALA A 261 19.61 20.19 -11.09
C ALA A 261 20.92 19.46 -11.21
N LYS A 262 21.49 19.36 -12.41
CA LYS A 262 22.78 18.70 -12.58
C LYS A 262 23.93 19.42 -11.85
N GLU A 263 23.76 20.69 -11.56
CA GLU A 263 24.79 21.42 -10.83
C GLU A 263 24.62 21.19 -9.34
N ARG A 264 23.53 20.58 -8.85
CA ARG A 264 23.35 20.35 -7.42
C ARG A 264 23.41 18.86 -7.08
N ALA A 265 22.84 18.04 -7.96
CA ALA A 265 22.85 16.59 -7.63
C ALA A 265 24.23 16.00 -7.75
N SER A 266 24.46 14.83 -7.17
CA SER A 266 25.63 14.01 -7.38
C SER A 266 25.41 13.08 -8.59
N PHE A 267 24.12 12.59 -8.68
CA PHE A 267 23.84 11.64 -9.76
C PHE A 267 22.46 12.06 -10.31
N ILE A 268 22.26 11.91 -11.62
CA ILE A 268 20.99 12.31 -12.22
C ILE A 268 20.73 11.51 -13.46
N THR A 269 19.46 11.25 -13.71
CA THR A 269 19.03 10.60 -14.93
C THR A 269 18.68 11.65 -15.99
N PRO A 270 19.21 11.45 -17.19
CA PRO A 270 18.80 12.35 -18.26
C PRO A 270 17.44 11.98 -18.78
N VAL A 271 16.78 12.81 -19.58
CA VAL A 271 15.53 12.49 -20.26
C VAL A 271 15.68 13.03 -21.70
N PRO A 272 15.56 12.16 -22.67
CA PRO A 272 15.29 10.78 -22.57
C PRO A 272 16.53 9.96 -22.20
N GLY A 273 16.46 8.64 -22.22
CA GLY A 273 17.61 7.78 -22.01
C GLY A 273 17.93 7.44 -20.56
N GLY A 274 17.03 7.70 -19.64
CA GLY A 274 17.26 7.46 -18.21
C GLY A 274 16.33 6.31 -17.79
N VAL A 275 15.23 6.72 -17.17
CA VAL A 275 14.23 5.78 -16.70
C VAL A 275 13.58 5.03 -17.85
N GLY A 276 13.36 5.68 -19.00
CA GLY A 276 12.60 5.01 -20.08
C GLY A 276 13.07 3.64 -20.49
N PRO A 277 14.34 3.50 -20.86
CA PRO A 277 14.89 2.22 -21.28
C PRO A 277 14.94 1.20 -20.16
N MET A 278 15.13 1.69 -18.91
CA MET A 278 15.16 0.80 -17.74
C MET A 278 13.80 0.18 -17.55
N THR A 279 12.69 0.91 -17.76
CA THR A 279 11.35 0.34 -17.61
C THR A 279 11.16 -0.84 -18.57
N VAL A 280 11.62 -0.69 -19.82
CA VAL A 280 11.44 -1.84 -20.73
C VAL A 280 12.31 -3.02 -20.30
N ALA A 281 13.54 -2.72 -19.85
CA ALA A 281 14.36 -3.84 -19.38
C ALA A 281 13.72 -4.56 -18.21
N MET A 282 13.11 -3.80 -17.29
CA MET A 282 12.48 -4.45 -16.13
C MET A 282 11.24 -5.25 -16.48
N LEU A 283 10.49 -4.79 -17.50
CA LEU A 283 9.38 -5.65 -17.96
C LEU A 283 9.96 -6.94 -18.54
N MET A 284 11.04 -6.86 -19.30
CA MET A 284 11.58 -8.15 -19.80
C MET A 284 12.08 -9.04 -18.67
N GLN A 285 12.69 -8.43 -17.63
CA GLN A 285 13.16 -9.23 -16.51
C GLN A 285 11.98 -9.92 -15.85
N SER A 286 10.86 -9.23 -15.62
CA SER A 286 9.69 -9.84 -15.00
C SER A 286 9.11 -10.95 -15.91
N THR A 287 9.20 -10.72 -17.21
CA THR A 287 8.66 -11.75 -18.12
C THR A 287 9.50 -13.00 -18.08
N VAL A 288 10.82 -12.83 -18.02
CA VAL A 288 11.68 -14.01 -17.89
C VAL A 288 11.42 -14.68 -16.57
N GLU A 289 11.21 -13.93 -15.48
CA GLU A 289 10.87 -14.59 -14.20
C GLU A 289 9.56 -15.35 -14.30
N SER A 290 8.55 -14.80 -14.99
CA SER A 290 7.26 -15.48 -15.10
C SER A 290 7.46 -16.81 -15.87
N ALA A 291 8.33 -16.84 -16.85
CA ALA A 291 8.56 -18.08 -17.61
C ALA A 291 9.27 -19.08 -16.70
N LYS A 292 10.29 -18.62 -16.00
CA LYS A 292 11.05 -19.48 -15.09
C LYS A 292 10.18 -19.99 -13.96
N ARG A 293 9.29 -19.18 -13.39
CA ARG A 293 8.44 -19.69 -12.31
C ARG A 293 7.57 -20.81 -12.87
N PHE A 294 7.04 -20.61 -14.07
CA PHE A 294 6.21 -21.59 -14.75
C PHE A 294 6.94 -22.94 -14.88
N LEU A 295 8.20 -22.91 -15.24
CA LEU A 295 9.04 -24.09 -15.35
C LEU A 295 9.40 -24.68 -13.99
N GLU A 296 9.48 -23.86 -12.94
CA GLU A 296 9.83 -24.34 -11.62
C GLU A 296 8.63 -24.99 -10.93
N ALA B 2 -1.05 26.57 27.80
CA ALA B 2 -1.88 26.26 26.60
C ALA B 2 -1.61 24.82 26.18
N PRO B 3 -1.87 23.88 27.07
CA PRO B 3 -1.65 22.47 26.83
C PRO B 3 -2.67 21.91 25.83
N ALA B 4 -2.27 20.79 25.23
CA ALA B 4 -3.11 20.12 24.27
C ALA B 4 -4.52 19.80 24.77
N GLU B 5 -5.49 19.78 23.87
CA GLU B 5 -6.82 19.27 24.10
C GLU B 5 -6.67 17.73 24.08
N ILE B 6 -7.34 17.06 24.96
CA ILE B 6 -7.28 15.61 25.08
C ILE B 6 -8.31 14.98 24.15
N LEU B 7 -7.91 13.99 23.35
CA LEU B 7 -8.84 13.30 22.46
C LEU B 7 -9.34 12.09 23.24
N ASN B 8 -10.55 12.19 23.78
CA ASN B 8 -11.07 11.10 24.64
C ASN B 8 -11.69 9.98 23.85
N GLY B 9 -10.90 8.90 23.67
CA GLY B 9 -11.30 7.74 22.89
C GLY B 9 -12.44 6.97 23.47
N LYS B 10 -12.57 6.94 24.81
CA LYS B 10 -13.70 6.27 25.41
C LYS B 10 -15.01 6.99 25.05
N GLU B 11 -15.03 8.32 25.21
CA GLU B 11 -16.24 9.08 24.90
C GLU B 11 -16.52 9.08 23.40
N ILE B 12 -15.49 9.21 22.56
CA ILE B 12 -15.75 9.24 21.11
C ILE B 12 -16.21 7.86 20.64
N SER B 13 -15.59 6.78 21.07
CA SER B 13 -16.04 5.45 20.69
C SER B 13 -17.47 5.22 21.14
N ALA B 14 -17.83 5.65 22.36
CA ALA B 14 -19.20 5.42 22.79
C ALA B 14 -20.20 6.14 21.87
N GLN B 15 -19.90 7.33 21.44
CA GLN B 15 -20.76 8.07 20.52
C GLN B 15 -20.88 7.36 19.19
N ILE B 16 -19.76 6.83 18.67
CA ILE B 16 -19.76 6.10 17.42
C ILE B 16 -20.62 4.84 17.52
N ARG B 17 -20.44 4.09 18.61
CA ARG B 17 -21.30 2.92 18.77
C ARG B 17 -22.79 3.29 18.89
N ALA B 18 -23.10 4.37 19.61
CA ALA B 18 -24.52 4.78 19.67
C ALA B 18 -25.02 5.14 18.28
N ARG B 19 -24.23 5.88 17.48
CA ARG B 19 -24.69 6.16 16.11
C ARG B 19 -24.87 4.94 15.24
N LEU B 20 -23.97 3.95 15.36
CA LEU B 20 -24.06 2.72 14.58
C LEU B 20 -25.34 1.96 15.00
N LYS B 21 -25.62 1.94 16.29
CA LYS B 21 -26.86 1.27 16.73
C LYS B 21 -28.05 1.90 16.01
N ASN B 22 -28.10 3.24 15.99
CA ASN B 22 -29.25 3.91 15.33
C ASN B 22 -29.29 3.60 13.86
N GLN B 23 -28.12 3.59 13.19
CA GLN B 23 -28.06 3.21 11.79
C GLN B 23 -28.58 1.80 11.51
N VAL B 24 -28.15 0.89 12.37
CA VAL B 24 -28.60 -0.50 12.19
C VAL B 24 -30.09 -0.63 12.44
N THR B 25 -30.63 0.03 13.44
CA THR B 25 -32.11 -0.02 13.66
C THR B 25 -32.80 0.48 12.41
N GLN B 26 -32.32 1.63 11.85
CA GLN B 26 -32.99 2.16 10.69
C GLN B 26 -32.87 1.33 9.45
N LEU B 27 -31.72 0.65 9.26
CA LEU B 27 -31.59 -0.20 8.07
C LEU B 27 -32.59 -1.35 8.19
N LYS B 28 -32.73 -1.91 9.37
CA LYS B 28 -33.63 -3.02 9.63
C LYS B 28 -35.08 -2.60 9.42
N GLU B 29 -35.42 -1.35 9.67
CA GLU B 29 -36.78 -0.88 9.44
C GLU B 29 -36.98 -0.47 8.00
N GLN B 30 -35.97 0.05 7.30
CA GLN B 30 -36.12 0.43 5.92
C GLN B 30 -36.25 -0.83 5.04
N VAL B 31 -35.56 -1.91 5.43
CA VAL B 31 -35.51 -3.18 4.68
C VAL B 31 -35.81 -4.35 5.61
N PRO B 32 -37.09 -4.58 5.95
CA PRO B 32 -37.51 -5.60 6.89
C PRO B 32 -36.95 -6.99 6.59
N GLY B 33 -36.35 -7.59 7.59
CA GLY B 33 -35.72 -8.90 7.34
C GLY B 33 -34.20 -8.76 7.19
N PHE B 34 -33.70 -7.61 6.72
CA PHE B 34 -32.25 -7.43 6.58
C PHE B 34 -31.60 -7.52 7.97
N THR B 35 -30.47 -8.23 8.07
CA THR B 35 -29.84 -8.55 9.32
C THR B 35 -28.31 -8.43 9.16
N PRO B 36 -27.70 -7.28 9.35
CA PRO B 36 -26.25 -7.14 9.28
C PRO B 36 -25.63 -8.29 10.10
N ARG B 37 -24.64 -8.96 9.52
CA ARG B 37 -24.07 -10.13 10.21
C ARG B 37 -22.54 -10.18 10.04
N LEU B 38 -22.00 -10.43 11.25
CA LEU B 38 -20.54 -10.61 11.36
C LEU B 38 -20.28 -12.08 11.77
N ALA B 39 -19.20 -12.67 11.27
CA ALA B 39 -18.77 -13.96 11.85
C ALA B 39 -17.31 -13.79 12.33
N ILE B 40 -16.96 -14.45 13.44
CA ILE B 40 -15.56 -14.47 13.91
C ILE B 40 -15.12 -15.96 13.99
N LEU B 41 -14.08 -16.30 13.27
CA LEU B 41 -13.62 -17.70 13.20
C LEU B 41 -12.40 -17.76 14.12
N GLN B 42 -12.37 -18.67 15.07
CA GLN B 42 -11.28 -18.85 15.98
C GLN B 42 -10.77 -20.29 15.86
N VAL B 43 -9.44 -20.38 15.93
CA VAL B 43 -8.88 -21.77 16.02
C VAL B 43 -8.24 -21.96 17.38
N GLY B 44 -8.63 -22.98 18.12
CA GLY B 44 -8.02 -23.22 19.42
C GLY B 44 -8.80 -22.48 20.50
N ASN B 45 -8.14 -22.20 21.63
CA ASN B 45 -8.82 -21.69 22.81
C ASN B 45 -7.94 -20.78 23.66
N ARG B 46 -7.21 -19.90 22.99
CA ARG B 46 -6.37 -18.98 23.76
C ARG B 46 -7.21 -18.06 24.66
N ASP B 47 -6.76 -17.90 25.91
CA ASP B 47 -7.49 -17.05 26.86
C ASP B 47 -7.55 -15.64 26.31
N ASP B 48 -6.47 -15.06 25.82
CA ASP B 48 -6.50 -13.67 25.33
C ASP B 48 -7.51 -13.53 24.20
N SER B 49 -7.47 -14.48 23.26
CA SER B 49 -8.43 -14.45 22.18
C SER B 49 -9.84 -14.53 22.66
N ASN B 50 -10.13 -15.40 23.62
CA ASN B 50 -11.49 -15.57 24.11
C ASN B 50 -11.95 -14.22 24.72
N LEU B 51 -11.04 -13.54 25.41
CA LEU B 51 -11.45 -12.23 25.97
C LEU B 51 -11.75 -11.24 24.85
N TYR B 52 -10.86 -11.12 23.88
CA TYR B 52 -11.11 -10.15 22.81
C TYR B 52 -12.37 -10.51 22.02
N ILE B 53 -12.60 -11.78 21.73
CA ILE B 53 -13.78 -12.16 20.96
C ILE B 53 -15.05 -11.83 21.73
N ASN B 54 -15.07 -12.08 23.05
CA ASN B 54 -16.26 -11.73 23.85
C ASN B 54 -16.57 -10.24 23.77
N VAL B 55 -15.56 -9.40 23.80
CA VAL B 55 -15.79 -7.94 23.70
C VAL B 55 -16.43 -7.63 22.36
N LYS B 56 -15.86 -8.22 21.26
CA LYS B 56 -16.42 -7.91 19.93
C LYS B 56 -17.85 -8.41 19.79
N LEU B 57 -18.19 -9.61 20.28
CA LEU B 57 -19.53 -10.12 20.20
C LEU B 57 -20.51 -9.26 21.01
N LYS B 58 -20.09 -8.81 22.18
CA LYS B 58 -21.00 -8.03 23.02
C LYS B 58 -21.19 -6.67 22.35
N ALA B 59 -20.16 -6.12 21.72
CA ALA B 59 -20.39 -4.83 21.06
C ALA B 59 -21.32 -4.98 19.89
N ALA B 60 -21.19 -6.05 19.06
CA ALA B 60 -22.02 -6.27 17.89
C ALA B 60 -23.48 -6.38 18.32
N GLU B 61 -23.70 -7.23 19.37
CA GLU B 61 -25.12 -7.40 19.77
C GLU B 61 -25.71 -6.12 20.34
N GLU B 62 -24.92 -5.31 21.00
CA GLU B 62 -25.57 -4.04 21.44
C GLU B 62 -25.94 -3.13 20.29
N ILE B 63 -25.23 -3.16 19.20
CA ILE B 63 -25.50 -2.33 18.03
C ILE B 63 -26.67 -2.90 17.25
N GLY B 64 -26.93 -4.22 17.38
CA GLY B 64 -27.93 -4.86 16.59
C GLY B 64 -27.45 -5.73 15.46
N ILE B 65 -26.13 -5.92 15.36
CA ILE B 65 -25.44 -6.80 14.48
C ILE B 65 -25.46 -8.26 15.01
N LYS B 66 -25.88 -9.12 14.10
CA LYS B 66 -25.85 -10.57 14.42
C LYS B 66 -24.39 -11.07 14.38
N ALA B 67 -23.91 -11.57 15.51
CA ALA B 67 -22.48 -12.00 15.45
C ALA B 67 -22.38 -13.49 15.78
N THR B 68 -21.71 -14.18 14.87
CA THR B 68 -21.58 -15.64 14.98
C THR B 68 -20.14 -15.94 15.36
N HIS B 69 -19.94 -16.78 16.39
CA HIS B 69 -18.57 -17.17 16.71
C HIS B 69 -18.39 -18.65 16.39
N ILE B 70 -17.41 -18.94 15.56
CA ILE B 70 -17.15 -20.36 15.24
C ILE B 70 -15.81 -20.66 15.92
N LYS B 71 -15.74 -21.61 16.83
CA LYS B 71 -14.52 -21.91 17.56
C LYS B 71 -14.09 -23.33 17.21
N LEU B 72 -13.05 -23.47 16.44
CA LEU B 72 -12.57 -24.81 16.03
C LEU B 72 -11.52 -25.28 17.00
N PRO B 73 -11.42 -26.59 17.23
CA PRO B 73 -10.52 -27.08 18.23
C PRO B 73 -9.07 -26.99 17.81
N ARG B 74 -8.21 -27.09 18.83
CA ARG B 74 -6.75 -27.09 18.59
C ARG B 74 -6.27 -28.17 17.64
N THR B 75 -6.98 -29.27 17.48
CA THR B 75 -6.61 -30.32 16.53
C THR B 75 -6.98 -30.04 15.08
N THR B 76 -7.54 -28.84 14.79
CA THR B 76 -7.90 -28.45 13.44
C THR B 76 -6.69 -28.31 12.53
N THR B 77 -6.85 -28.76 11.28
CA THR B 77 -5.81 -28.71 10.28
C THR B 77 -6.03 -27.49 9.37
N GLU B 78 -5.00 -27.16 8.59
CA GLU B 78 -5.14 -26.04 7.67
C GLU B 78 -6.27 -26.19 6.68
N SER B 79 -6.47 -27.43 6.15
CA SER B 79 -7.56 -27.58 5.17
C SER B 79 -8.90 -27.34 5.83
N GLU B 80 -9.08 -27.70 7.10
CA GLU B 80 -10.36 -27.47 7.77
C GLU B 80 -10.58 -25.96 7.86
N VAL B 81 -9.56 -25.22 8.31
CA VAL B 81 -9.79 -23.72 8.39
C VAL B 81 -10.12 -23.19 7.04
N MET B 82 -9.44 -23.65 5.98
CA MET B 82 -9.73 -23.20 4.62
C MET B 82 -11.20 -23.46 4.23
N LYS B 83 -11.70 -24.65 4.58
CA LYS B 83 -13.10 -24.95 4.22
C LYS B 83 -14.10 -24.03 4.91
N TYR B 84 -13.83 -23.70 6.17
CA TYR B 84 -14.68 -22.73 6.87
C TYR B 84 -14.57 -21.34 6.21
N ILE B 85 -13.40 -20.88 5.83
CA ILE B 85 -13.31 -19.58 5.19
C ILE B 85 -14.08 -19.58 3.89
N THR B 86 -13.94 -20.62 3.06
CA THR B 86 -14.72 -20.70 1.83
C THR B 86 -16.21 -20.68 2.12
N SER B 87 -16.66 -21.40 3.13
CA SER B 87 -18.11 -21.42 3.44
C SER B 87 -18.61 -20.05 3.82
N LEU B 88 -17.80 -19.31 4.61
CA LEU B 88 -18.20 -17.96 5.05
C LEU B 88 -18.10 -17.03 3.84
N ASN B 89 -17.13 -17.22 2.97
CA ASN B 89 -17.12 -16.42 1.73
C ASN B 89 -18.43 -16.64 0.94
N GLU B 90 -18.89 -17.89 0.88
CA GLU B 90 -20.06 -18.22 0.08
C GLU B 90 -21.40 -17.99 0.78
N ASP B 91 -21.42 -17.77 2.06
CA ASP B 91 -22.65 -17.59 2.81
C ASP B 91 -23.20 -16.18 2.58
N SER B 92 -24.29 -16.09 1.79
CA SER B 92 -24.83 -14.77 1.49
C SER B 92 -25.46 -14.10 2.67
N THR B 93 -25.63 -14.69 3.84
CA THR B 93 -26.12 -14.04 5.02
C THR B 93 -25.00 -13.34 5.82
N VAL B 94 -23.75 -13.67 5.54
CA VAL B 94 -22.63 -13.11 6.35
C VAL B 94 -22.05 -11.96 5.53
N HIS B 95 -22.10 -10.74 6.11
CA HIS B 95 -21.56 -9.62 5.33
C HIS B 95 -20.09 -9.35 5.58
N GLY B 96 -19.60 -9.73 6.73
CA GLY B 96 -18.18 -9.51 7.07
C GLY B 96 -17.73 -10.66 8.00
N PHE B 97 -16.46 -10.97 7.90
CA PHE B 97 -15.96 -11.93 8.90
C PHE B 97 -14.46 -11.69 9.06
N LEU B 98 -14.02 -12.29 10.17
CA LEU B 98 -12.61 -12.19 10.43
C LEU B 98 -12.13 -13.46 11.10
N VAL B 99 -10.83 -13.65 10.90
CA VAL B 99 -10.12 -14.73 11.57
C VAL B 99 -9.38 -14.20 12.78
N GLN B 100 -9.70 -14.65 13.99
CA GLN B 100 -8.97 -14.17 15.15
C GLN B 100 -7.55 -14.70 15.14
N LEU B 101 -6.59 -13.79 15.28
CA LEU B 101 -5.18 -14.24 15.30
C LEU B 101 -4.60 -14.03 16.69
N PRO B 102 -3.56 -14.79 17.04
CA PRO B 102 -3.00 -15.84 16.23
C PRO B 102 -3.75 -17.17 16.36
N LEU B 103 -3.63 -17.98 15.28
CA LEU B 103 -4.29 -19.28 15.37
C LEU B 103 -3.67 -20.14 16.47
N ASP B 104 -4.40 -21.00 17.14
CA ASP B 104 -3.90 -21.87 18.20
C ASP B 104 -4.19 -23.33 17.78
N SER B 105 -3.21 -23.93 17.07
CA SER B 105 -3.44 -25.31 16.63
C SER B 105 -2.18 -26.13 16.91
N GLU B 106 -2.37 -27.43 17.09
CA GLU B 106 -1.20 -28.32 17.24
C GLU B 106 -0.56 -28.53 15.88
N ASN B 107 -1.22 -28.23 14.77
CA ASN B 107 -0.69 -28.38 13.44
C ASN B 107 -0.17 -27.08 12.83
N SER B 108 0.79 -27.20 11.92
CA SER B 108 1.29 -26.01 11.24
C SER B 108 0.24 -25.53 10.29
N ILE B 109 -0.13 -24.24 10.38
CA ILE B 109 -1.13 -23.65 9.49
C ILE B 109 -0.52 -22.35 8.95
N ASN B 110 -0.52 -22.17 7.66
CA ASN B 110 0.02 -20.95 7.05
C ASN B 110 -0.98 -19.82 7.28
N THR B 111 -0.67 -18.96 8.24
CA THR B 111 -1.59 -17.84 8.56
C THR B 111 -1.79 -16.91 7.39
N GLU B 112 -0.72 -16.57 6.66
CA GLU B 112 -0.89 -15.72 5.49
C GLU B 112 -1.80 -16.29 4.45
N GLU B 113 -1.74 -17.62 4.19
CA GLU B 113 -2.64 -18.20 3.20
C GLU B 113 -4.08 -18.25 3.73
N VAL B 114 -4.27 -18.42 5.04
CA VAL B 114 -5.62 -18.45 5.61
C VAL B 114 -6.29 -17.08 5.45
N ILE B 115 -5.52 -16.03 5.85
CA ILE B 115 -6.07 -14.69 5.75
C ILE B 115 -6.34 -14.30 4.32
N ASN B 116 -5.45 -14.69 3.38
CA ASN B 116 -5.65 -14.29 2.00
C ASN B 116 -6.68 -15.13 1.25
N ALA B 117 -7.23 -16.09 1.96
CA ALA B 117 -8.38 -16.82 1.40
C ALA B 117 -9.67 -16.07 1.66
N ILE B 118 -9.70 -15.08 2.53
CA ILE B 118 -10.93 -14.36 2.85
C ILE B 118 -11.34 -13.49 1.68
N ALA B 119 -12.64 -13.51 1.33
CA ALA B 119 -13.09 -12.69 0.18
C ALA B 119 -12.92 -11.21 0.54
N PRO B 120 -12.31 -10.42 -0.36
CA PRO B 120 -11.99 -9.02 0.00
C PRO B 120 -13.21 -8.23 0.37
N GLU B 121 -14.36 -8.58 -0.22
CA GLU B 121 -15.61 -7.93 0.07
C GLU B 121 -16.19 -8.18 1.44
N LYS B 122 -15.65 -9.17 2.18
CA LYS B 122 -16.03 -9.48 3.54
C LYS B 122 -14.85 -9.31 4.55
N ASP B 123 -13.72 -8.76 4.08
CA ASP B 123 -12.54 -8.73 5.00
C ASP B 123 -12.63 -7.52 5.91
N VAL B 124 -13.41 -7.59 6.95
CA VAL B 124 -13.69 -6.42 7.80
C VAL B 124 -12.44 -6.04 8.59
N ASP B 125 -11.51 -6.95 8.82
CA ASP B 125 -10.29 -6.52 9.53
C ASP B 125 -9.32 -5.85 8.57
N GLY B 126 -9.50 -5.94 7.23
CA GLY B 126 -8.69 -5.21 6.29
C GLY B 126 -7.26 -5.66 6.03
N LEU B 127 -6.99 -6.90 6.46
CA LEU B 127 -5.56 -7.28 6.25
C LEU B 127 -5.32 -8.22 5.08
N THR B 128 -6.34 -8.56 4.30
CA THR B 128 -5.96 -9.33 3.10
C THR B 128 -5.02 -8.52 2.18
N SER B 129 -4.18 -9.21 1.37
CA SER B 129 -3.31 -8.41 0.48
C SER B 129 -4.14 -7.64 -0.49
N ILE B 130 -5.27 -8.13 -1.06
CA ILE B 130 -6.08 -7.39 -1.99
C ILE B 130 -6.60 -6.11 -1.36
N ASN B 131 -7.15 -6.18 -0.13
CA ASN B 131 -7.67 -4.99 0.51
C ASN B 131 -6.51 -4.03 0.79
N ALA B 132 -5.37 -4.57 1.21
CA ALA B 132 -4.26 -3.68 1.46
C ALA B 132 -3.82 -2.97 0.20
N GLY B 133 -3.83 -3.66 -0.95
CA GLY B 133 -3.48 -3.11 -2.24
C GLY B 133 -4.49 -2.03 -2.68
N ARG B 134 -5.78 -2.19 -2.42
CA ARG B 134 -6.73 -1.18 -2.80
C ARG B 134 -6.50 0.02 -1.89
N LEU B 135 -6.41 -0.18 -0.59
CA LEU B 135 -6.20 0.95 0.29
C LEU B 135 -4.91 1.68 -0.05
N ALA B 136 -3.80 0.96 -0.35
CA ALA B 136 -2.54 1.59 -0.66
C ALA B 136 -2.55 2.34 -1.96
N ARG B 137 -3.48 2.09 -2.83
CA ARG B 137 -3.51 2.75 -4.12
C ARG B 137 -4.67 3.72 -4.21
N GLY B 138 -5.30 4.03 -3.09
CA GLY B 138 -6.32 5.05 -3.01
C GLY B 138 -7.78 4.71 -3.20
N ASP B 139 -8.12 3.43 -3.09
CA ASP B 139 -9.56 3.09 -3.18
C ASP B 139 -10.27 3.15 -1.85
N LEU B 140 -10.34 4.26 -1.19
CA LEU B 140 -10.96 4.46 0.13
C LEU B 140 -12.47 4.47 0.08
N ASN B 141 -13.11 4.66 -1.06
CA ASN B 141 -14.58 4.72 -1.10
C ASN B 141 -15.18 3.36 -0.79
N ASP B 142 -14.51 2.24 -1.05
CA ASP B 142 -15.13 0.96 -0.69
C ASP B 142 -14.20 -0.10 -0.09
N CYS B 143 -12.91 0.04 0.14
CA CYS B 143 -12.05 -1.01 0.70
C CYS B 143 -12.37 -1.13 2.23
N PHE B 144 -11.73 -2.06 2.93
CA PHE B 144 -11.84 -2.04 4.39
C PHE B 144 -10.54 -1.47 4.99
N ILE B 145 -10.66 -0.77 6.08
CA ILE B 145 -9.45 -0.17 6.72
C ILE B 145 -9.22 -0.93 8.02
N PRO B 146 -8.03 -1.46 8.33
CA PRO B 146 -7.72 -2.10 9.60
C PRO B 146 -8.16 -1.21 10.76
N CYS B 147 -8.68 -1.82 11.83
CA CYS B 147 -9.32 -1.02 12.86
C CYS B 147 -8.44 0.01 13.56
N THR B 148 -7.20 -0.30 13.85
CA THR B 148 -6.40 0.65 14.62
C THR B 148 -6.16 1.89 13.79
N PRO B 149 -5.64 1.89 12.58
CA PRO B 149 -5.51 3.11 11.80
C PRO B 149 -6.86 3.73 11.52
N LYS B 150 -7.97 3.00 11.32
CA LYS B 150 -9.27 3.61 11.06
C LYS B 150 -9.63 4.45 12.28
N GLY B 151 -9.34 4.01 13.50
CA GLY B 151 -9.69 4.76 14.71
C GLY B 151 -8.72 5.92 14.86
N CYS B 152 -7.47 5.79 14.43
CA CYS B 152 -6.56 6.94 14.44
C CYS B 152 -7.11 8.04 13.55
N LEU B 153 -7.54 7.68 12.34
CA LEU B 153 -8.07 8.74 11.46
C LEU B 153 -9.29 9.42 12.02
N GLU B 154 -10.23 8.68 12.57
CA GLU B 154 -11.42 9.26 13.17
C GLU B 154 -11.00 10.21 14.30
N LEU B 155 -9.98 9.88 15.10
CA LEU B 155 -9.56 10.81 16.15
C LEU B 155 -8.97 12.05 15.55
N ILE B 156 -8.15 11.96 14.48
CA ILE B 156 -7.59 13.12 13.83
C ILE B 156 -8.75 13.97 13.32
N LYS B 157 -9.74 13.35 12.67
CA LYS B 157 -10.86 14.15 12.13
C LYS B 157 -11.68 14.76 13.26
N GLU B 158 -11.69 14.22 14.47
CA GLU B 158 -12.47 14.82 15.57
C GLU B 158 -11.88 16.13 16.03
N THR B 159 -10.64 16.45 15.66
CA THR B 159 -10.01 17.71 16.01
C THR B 159 -10.64 18.87 15.24
N GLY B 160 -11.25 18.59 14.10
CA GLY B 160 -11.81 19.60 13.23
C GLY B 160 -10.79 20.28 12.33
N VAL B 161 -9.53 19.91 12.43
CA VAL B 161 -8.47 20.52 11.60
C VAL B 161 -8.27 19.76 10.29
N PRO B 162 -8.44 20.39 9.14
CA PRO B 162 -8.28 19.70 7.87
C PRO B 162 -6.94 19.01 7.72
N ILE B 163 -6.99 17.80 7.14
CA ILE B 163 -5.73 17.06 6.93
C ILE B 163 -5.02 17.49 5.68
N ALA B 164 -5.75 17.89 4.63
CA ALA B 164 -5.08 18.18 3.38
C ALA B 164 -4.03 19.25 3.49
N GLY B 165 -2.87 19.01 2.90
CA GLY B 165 -1.75 19.90 2.91
C GLY B 165 -0.88 19.89 4.16
N ARG B 166 -1.28 19.20 5.19
CA ARG B 166 -0.45 19.09 6.40
C ARG B 166 0.61 18.03 6.20
N HIS B 167 1.72 18.24 6.89
CA HIS B 167 2.83 17.27 6.87
C HIS B 167 2.57 16.30 7.98
N ALA B 168 2.35 15.03 7.67
CA ALA B 168 2.07 13.97 8.62
C ALA B 168 3.27 13.00 8.70
N VAL B 169 3.60 12.65 9.93
CA VAL B 169 4.71 11.70 10.13
C VAL B 169 4.10 10.45 10.79
N VAL B 170 4.42 9.31 10.20
CA VAL B 170 3.97 8.04 10.84
C VAL B 170 5.28 7.31 11.26
N VAL B 171 5.30 6.94 12.53
CA VAL B 171 6.48 6.23 13.04
C VAL B 171 6.02 4.76 13.23
N GLY B 172 6.57 3.89 12.39
CA GLY B 172 6.13 2.48 12.38
C GLY B 172 5.51 2.23 10.99
N ARG B 173 5.65 0.97 10.53
CA ARG B 173 5.25 0.59 9.17
C ARG B 173 4.69 -0.82 9.18
N SER B 174 4.08 -1.20 10.30
CA SER B 174 3.52 -2.59 10.39
C SER B 174 2.32 -2.74 9.51
N LYS B 175 1.98 -4.02 9.21
CA LYS B 175 0.81 -4.31 8.47
C LYS B 175 -0.46 -3.93 9.16
N ILE B 176 -0.46 -4.04 10.49
CA ILE B 176 -1.63 -3.77 11.30
C ILE B 176 -1.86 -2.28 11.53
N VAL B 177 -0.78 -1.50 11.64
CA VAL B 177 -1.01 -0.09 11.98
C VAL B 177 -0.26 0.84 11.09
N GLY B 178 1.07 0.90 11.08
CA GLY B 178 1.80 1.96 10.41
C GLY B 178 1.60 2.08 8.91
N ALA B 179 1.63 0.91 8.21
CA ALA B 179 1.46 0.93 6.77
C ALA B 179 0.07 1.37 6.34
N PRO B 180 -1.03 0.84 6.81
CA PRO B 180 -2.35 1.37 6.49
C PRO B 180 -2.51 2.82 7.01
N MET B 181 -1.86 3.16 8.09
CA MET B 181 -2.03 4.59 8.53
C MET B 181 -1.41 5.52 7.50
N HIS B 182 -0.23 5.23 6.97
CA HIS B 182 0.33 6.05 5.91
C HIS B 182 -0.67 6.23 4.76
N ASP B 183 -1.40 5.15 4.36
CA ASP B 183 -2.28 5.22 3.20
C ASP B 183 -3.47 6.10 3.48
N LEU B 184 -4.00 5.97 4.71
CA LEU B 184 -5.11 6.85 5.06
C LEU B 184 -4.70 8.33 5.05
N LEU B 185 -3.51 8.62 5.60
CA LEU B 185 -3.16 10.05 5.56
C LEU B 185 -2.83 10.56 4.19
N LEU B 186 -2.20 9.76 3.33
CA LEU B 186 -1.83 10.12 1.99
C LEU B 186 -3.12 10.38 1.19
N TRP B 187 -4.09 9.48 1.29
CA TRP B 187 -5.29 9.67 0.47
C TRP B 187 -6.30 10.62 1.06
N ASN B 188 -6.01 11.17 2.25
CA ASN B 188 -6.68 12.36 2.77
C ASN B 188 -5.82 13.59 2.45
N ASN B 189 -4.82 13.50 1.63
CA ASN B 189 -4.05 14.58 1.05
C ASN B 189 -3.06 15.25 1.96
N ALA B 190 -2.68 14.54 3.01
CA ALA B 190 -1.48 14.97 3.75
C ALA B 190 -0.23 14.61 2.95
N THR B 191 0.88 15.28 3.16
CA THR B 191 2.19 14.97 2.65
C THR B 191 2.78 14.03 3.71
N VAL B 192 3.13 12.79 3.45
CA VAL B 192 3.39 11.86 4.54
C VAL B 192 4.83 11.38 4.50
N THR B 193 5.40 11.36 5.70
CA THR B 193 6.73 10.79 5.87
C THR B 193 6.63 9.53 6.75
N THR B 194 7.18 8.41 6.23
CA THR B 194 7.13 7.16 7.01
C THR B 194 8.54 6.91 7.57
N CYS B 195 8.47 6.65 8.88
CA CYS B 195 9.72 6.38 9.62
C CYS B 195 9.64 4.98 10.24
N HIS B 196 10.80 4.45 10.61
CA HIS B 196 10.90 3.10 11.14
C HIS B 196 12.25 2.92 11.89
N SER B 197 12.56 1.65 12.22
CA SER B 197 13.75 1.43 13.04
C SER B 197 15.05 1.81 12.36
N LYS B 198 15.08 2.04 11.03
CA LYS B 198 16.30 2.39 10.35
C LYS B 198 16.32 3.90 10.00
N THR B 199 15.36 4.64 10.52
CA THR B 199 15.34 6.09 10.31
C THR B 199 16.48 6.75 11.08
N ALA B 200 17.22 7.61 10.42
CA ALA B 200 18.30 8.31 11.15
C ALA B 200 17.67 9.61 11.62
N HIS B 201 18.23 10.16 12.72
CA HIS B 201 17.71 11.43 13.22
C HIS B 201 16.19 11.43 13.33
N LEU B 202 15.65 10.40 13.99
CA LEU B 202 14.22 10.27 14.15
C LEU B 202 13.57 11.49 14.83
N ASP B 203 14.26 12.03 15.85
CA ASP B 203 13.71 13.25 16.45
C ASP B 203 13.53 14.39 15.48
N GLU B 204 14.45 14.64 14.56
CA GLU B 204 14.30 15.68 13.58
C GLU B 204 13.18 15.41 12.60
N GLU B 205 12.95 14.13 12.28
CA GLU B 205 11.83 13.76 11.41
C GLU B 205 10.50 13.96 12.10
N VAL B 206 10.42 13.59 13.39
CA VAL B 206 9.17 13.69 14.12
C VAL B 206 8.76 15.15 14.31
N ASN B 207 9.81 15.97 14.48
CA ASN B 207 9.54 17.42 14.68
C ASN B 207 9.01 18.17 13.47
N LYS B 208 8.95 17.49 12.29
CA LYS B 208 8.32 18.07 11.11
C LYS B 208 6.84 17.78 11.03
N GLY B 209 6.30 16.89 11.91
CA GLY B 209 4.97 16.41 11.85
C GLY B 209 3.93 17.36 12.41
N ASP B 210 3.09 17.92 11.51
CA ASP B 210 1.90 18.63 11.95
C ASP B 210 0.85 17.66 12.50
N ILE B 211 0.88 16.39 11.94
CA ILE B 211 0.10 15.29 12.43
C ILE B 211 1.18 14.20 12.66
N LEU B 212 1.12 13.54 13.81
CA LEU B 212 2.07 12.49 14.15
C LEU B 212 1.32 11.28 14.66
N VAL B 213 1.57 10.12 14.05
CA VAL B 213 0.96 8.89 14.52
C VAL B 213 2.14 7.96 14.83
N VAL B 214 2.15 7.51 16.07
CA VAL B 214 3.25 6.68 16.56
C VAL B 214 2.75 5.31 16.91
N ALA B 215 3.36 4.28 16.31
CA ALA B 215 2.96 2.90 16.52
C ALA B 215 4.23 2.05 16.40
N THR B 216 4.96 2.04 17.52
CA THR B 216 6.26 1.34 17.55
C THR B 216 6.31 0.26 18.63
N GLY B 217 5.56 0.35 19.71
CA GLY B 217 5.80 -0.61 20.80
C GLY B 217 7.09 -0.31 21.56
N GLN B 218 7.61 0.91 21.44
CA GLN B 218 8.84 1.35 22.14
C GLN B 218 8.36 2.38 23.18
N PRO B 219 8.22 1.97 24.43
CA PRO B 219 7.50 2.78 25.40
C PRO B 219 8.13 4.14 25.65
N GLU B 220 7.27 5.14 25.46
CA GLU B 220 7.61 6.55 25.63
C GLU B 220 8.91 6.93 24.96
N MET B 221 9.23 6.34 23.78
CA MET B 221 10.45 6.69 23.07
C MET B 221 10.37 8.09 22.46
N VAL B 222 9.17 8.46 21.99
CA VAL B 222 9.02 9.76 21.32
C VAL B 222 8.84 10.80 22.42
N LYS B 223 9.91 11.58 22.64
CA LYS B 223 9.91 12.53 23.76
C LYS B 223 9.19 13.80 23.36
N GLY B 224 8.79 14.52 24.43
CA GLY B 224 8.02 15.74 24.26
C GLY B 224 8.73 16.76 23.40
N GLU B 225 10.02 16.94 23.56
CA GLU B 225 10.83 17.89 22.84
C GLU B 225 10.82 17.66 21.32
N TRP B 226 10.56 16.41 20.93
CA TRP B 226 10.52 16.12 19.49
C TRP B 226 9.26 16.62 18.81
N ILE B 227 8.18 16.77 19.55
CA ILE B 227 6.89 17.16 19.00
C ILE B 227 6.92 18.56 18.43
N LYS B 228 6.43 18.72 17.22
CA LYS B 228 6.31 20.06 16.63
C LYS B 228 5.23 20.81 17.38
N PRO B 229 5.51 22.04 17.86
CA PRO B 229 4.50 22.81 18.55
C PRO B 229 3.23 22.95 17.72
N GLY B 230 2.11 22.58 18.33
CA GLY B 230 0.80 22.61 17.75
C GLY B 230 0.42 21.29 17.06
N ALA B 231 1.31 20.28 17.10
CA ALA B 231 0.94 19.04 16.36
C ALA B 231 -0.28 18.35 16.92
N ILE B 232 -0.89 17.48 16.08
CA ILE B 232 -1.89 16.53 16.49
C ILE B 232 -1.12 15.19 16.75
N VAL B 233 -1.18 14.69 17.94
CA VAL B 233 -0.34 13.53 18.32
C VAL B 233 -1.24 12.39 18.67
N ILE B 234 -1.12 11.32 17.85
CA ILE B 234 -1.89 10.08 18.01
C ILE B 234 -0.95 8.94 18.41
N ASP B 235 -1.15 8.39 19.60
CA ASP B 235 -0.23 7.40 20.14
C ASP B 235 -0.94 6.07 20.22
N CYS B 236 -0.52 5.09 19.40
CA CYS B 236 -1.14 3.77 19.37
C CYS B 236 -0.52 2.82 20.40
N GLY B 237 0.55 3.20 21.05
CA GLY B 237 1.26 2.23 21.90
C GLY B 237 0.46 1.72 23.10
N ILE B 238 0.64 0.44 23.38
CA ILE B 238 0.05 -0.19 24.59
C ILE B 238 1.21 -0.91 25.23
N ASN B 239 1.79 -0.26 26.24
CA ASN B 239 3.02 -0.77 26.89
C ASN B 239 2.73 -0.92 28.39
N TYR B 240 2.90 -2.13 28.93
CA TYR B 240 2.64 -2.30 30.36
C TYR B 240 3.87 -2.12 31.21
N VAL B 241 3.69 -1.39 32.30
CA VAL B 241 4.82 -1.09 33.21
C VAL B 241 4.35 -1.29 34.65
N PRO B 242 5.01 -2.12 35.45
CA PRO B 242 4.61 -2.34 36.83
C PRO B 242 4.50 -1.04 37.59
N ASP B 243 3.40 -0.85 38.35
CA ASP B 243 3.19 0.37 39.10
C ASP B 243 2.26 -0.04 40.25
N ASP B 244 2.89 -0.17 41.41
CA ASP B 244 2.12 -0.61 42.56
C ASP B 244 1.08 0.37 43.01
N LYS B 245 1.02 1.59 42.59
CA LYS B 245 0.03 2.58 42.96
C LYS B 245 -1.28 2.44 42.15
N LYS B 246 -1.33 1.51 41.21
CA LYS B 246 -2.54 1.28 40.41
C LYS B 246 -3.31 0.11 40.98
N PRO B 247 -4.63 0.05 40.73
CA PRO B 247 -5.48 -1.03 41.25
C PRO B 247 -4.97 -2.41 40.99
N ASN B 248 -4.55 -2.62 39.72
CA ASN B 248 -4.08 -3.89 39.26
C ASN B 248 -2.57 -4.04 39.21
N GLY B 249 -1.85 -3.07 39.78
CA GLY B 249 -0.42 -3.20 39.84
C GLY B 249 0.34 -2.92 38.55
N ARG B 250 -0.35 -2.31 37.59
CA ARG B 250 0.37 -1.94 36.38
C ARG B 250 -0.27 -0.69 35.78
N LYS B 251 0.61 0.01 35.04
CA LYS B 251 0.09 1.18 34.29
C LYS B 251 0.32 0.83 32.82
N VAL B 252 -0.44 1.55 32.02
CA VAL B 252 -0.26 1.44 30.55
C VAL B 252 0.30 2.77 30.09
N VAL B 253 1.38 2.73 29.29
CA VAL B 253 1.96 3.93 28.68
C VAL B 253 2.03 3.71 27.14
N GLY B 254 2.02 4.88 26.50
CA GLY B 254 2.09 4.87 25.05
C GLY B 254 3.53 4.82 24.55
N ASP B 255 3.58 5.09 23.23
CA ASP B 255 4.87 5.22 22.58
C ASP B 255 5.41 6.64 22.54
N VAL B 256 4.61 7.54 23.15
CA VAL B 256 4.94 8.96 23.28
C VAL B 256 5.03 9.32 24.77
N ALA B 257 6.01 10.17 25.08
CA ALA B 257 6.10 10.65 26.50
C ALA B 257 5.03 11.73 26.67
N TYR B 258 3.88 11.28 27.16
CA TYR B 258 2.67 12.10 27.18
C TYR B 258 2.81 13.36 28.02
N ASP B 259 3.45 13.20 29.18
CA ASP B 259 3.47 14.36 30.08
C ASP B 259 4.13 15.57 29.48
N GLU B 260 5.17 15.40 28.65
CA GLU B 260 5.83 16.51 28.00
C GLU B 260 5.22 16.81 26.64
N ALA B 261 4.75 15.72 25.95
CA ALA B 261 4.12 15.98 24.66
C ALA B 261 2.81 16.76 24.76
N LYS B 262 2.06 16.64 25.84
CA LYS B 262 0.79 17.40 25.98
C LYS B 262 1.02 18.90 26.13
N GLU B 263 2.23 19.30 26.48
CA GLU B 263 2.52 20.74 26.59
C GLU B 263 2.84 21.32 25.23
N ARG B 264 3.17 20.46 24.25
CA ARG B 264 3.55 20.94 22.94
C ARG B 264 2.42 20.75 21.93
N ALA B 265 1.74 19.61 21.98
CA ALA B 265 0.74 19.34 20.95
C ALA B 265 -0.47 20.25 21.09
N SER B 266 -1.25 20.36 20.03
CA SER B 266 -2.55 21.03 20.07
C SER B 266 -3.62 20.03 20.50
N PHE B 267 -3.47 18.74 20.05
CA PHE B 267 -4.44 17.72 20.38
C PHE B 267 -3.60 16.43 20.66
N ILE B 268 -4.01 15.64 21.62
CA ILE B 268 -3.22 14.44 21.91
C ILE B 268 -4.11 13.34 22.44
N THR B 269 -3.80 12.08 22.09
CA THR B 269 -4.49 10.95 22.64
C THR B 269 -3.80 10.43 23.90
N PRO B 270 -4.50 10.32 25.01
CA PRO B 270 -3.89 9.72 26.19
C PRO B 270 -3.78 8.22 26.01
N VAL B 271 -2.94 7.59 26.81
CA VAL B 271 -2.87 6.15 26.91
C VAL B 271 -2.95 5.84 28.40
N PRO B 272 -3.87 5.03 28.86
CA PRO B 272 -4.91 4.41 28.15
C PRO B 272 -6.03 5.39 27.78
N GLY B 273 -6.98 4.92 26.97
CA GLY B 273 -8.12 5.77 26.70
C GLY B 273 -8.17 6.63 25.48
N GLY B 274 -7.25 6.45 24.56
CA GLY B 274 -7.21 7.24 23.31
C GLY B 274 -7.54 6.32 22.14
N VAL B 275 -6.54 5.78 21.47
CA VAL B 275 -6.76 4.91 20.34
C VAL B 275 -7.41 3.59 20.72
N GLY B 276 -6.99 3.04 21.86
CA GLY B 276 -7.47 1.73 22.24
C GLY B 276 -8.97 1.46 22.24
N PRO B 277 -9.74 2.33 22.87
CA PRO B 277 -11.19 2.16 22.95
C PRO B 277 -11.86 2.33 21.61
N MET B 278 -11.18 2.89 20.60
CA MET B 278 -11.83 3.06 19.31
C MET B 278 -11.86 1.79 18.50
N THR B 279 -10.97 0.83 18.75
CA THR B 279 -10.73 -0.28 17.79
C THR B 279 -11.97 -1.15 17.59
N VAL B 280 -12.70 -1.55 18.64
CA VAL B 280 -13.90 -2.37 18.44
C VAL B 280 -14.98 -1.57 17.72
N ALA B 281 -15.10 -0.26 18.05
CA ALA B 281 -16.10 0.54 17.35
C ALA B 281 -15.76 0.62 15.84
N MET B 282 -14.50 0.64 15.49
CA MET B 282 -14.08 0.65 14.09
C MET B 282 -14.42 -0.67 13.39
N LEU B 283 -14.24 -1.81 14.06
CA LEU B 283 -14.64 -3.07 13.45
C LEU B 283 -16.16 -3.08 13.27
N MET B 284 -16.92 -2.53 14.20
CA MET B 284 -18.36 -2.51 13.95
C MET B 284 -18.72 -1.53 12.81
N GLN B 285 -17.99 -0.42 12.72
CA GLN B 285 -18.23 0.47 11.57
C GLN B 285 -17.93 -0.21 10.25
N SER B 286 -16.84 -0.97 10.15
CA SER B 286 -16.55 -1.68 8.92
C SER B 286 -17.60 -2.77 8.64
N THR B 287 -18.16 -3.38 9.66
CA THR B 287 -19.19 -4.40 9.42
C THR B 287 -20.51 -3.77 8.87
N VAL B 288 -20.80 -2.58 9.41
CA VAL B 288 -22.00 -1.89 8.85
C VAL B 288 -21.79 -1.41 7.43
N GLU B 289 -20.57 -0.95 7.12
CA GLU B 289 -20.22 -0.58 5.76
C GLU B 289 -20.35 -1.80 4.81
N SER B 290 -19.91 -2.94 5.32
CA SER B 290 -20.02 -4.09 4.40
C SER B 290 -21.50 -4.48 4.20
N ALA B 291 -22.22 -4.40 5.31
CA ALA B 291 -23.68 -4.75 5.15
C ALA B 291 -24.37 -3.78 4.19
N LYS B 292 -24.03 -2.48 4.28
CA LYS B 292 -24.64 -1.51 3.35
C LYS B 292 -24.26 -1.74 1.90
N ARG B 293 -23.03 -2.13 1.63
CA ARG B 293 -22.61 -2.41 0.25
C ARG B 293 -23.32 -3.66 -0.29
N PHE B 294 -23.55 -4.63 0.60
CA PHE B 294 -24.26 -5.84 0.17
C PHE B 294 -25.70 -5.48 -0.17
N LEU B 295 -26.32 -4.65 0.67
CA LEU B 295 -27.71 -4.25 0.54
C LEU B 295 -27.98 -3.57 -0.79
N GLU B 296 -27.06 -2.70 -1.20
CA GLU B 296 -27.19 -1.96 -2.45
C GLU B 296 -27.14 -2.84 -3.69
#